data_2M18
#
_entry.id   2M18
#
_entity_poly.entity_id   1
_entity_poly.type   'polyribonucleotide'
_entity_poly.pdbx_seq_one_letter_code
;GGGUUAGGGU
;
_entity_poly.pdbx_strand_id   A,B,C,D
#